data_1YFO
#
_entry.id   1YFO
#
_cell.length_a   42.190
_cell.length_b   119.840
_cell.length_c   61.180
_cell.angle_alpha   90.00
_cell.angle_beta   110.08
_cell.angle_gamma   90.00
#
_symmetry.space_group_name_H-M   'P 1 21 1'
#
loop_
_entity.id
_entity.type
_entity.pdbx_description
1 polymer 'RECEPTOR PROTEIN TYROSINE PHOSPHATASE ALPHA'
2 water water
#
_entity_poly.entity_id   1
_entity_poly.type   'polypeptide(L)'
_entity_poly.pdbx_seq_one_letter_code
;SPSTNRKYPPLPVDKLEEEINRRMADDNKLFREEFNALPACPIQATCEAASKEENKEKNRYVNILPYDHSRVHLTPVEGV
PDSDYINASFINGYQEKNKFIAAQGPKEETVNDFWRMIWEQNTATIVMVTNLKERKECKCAQYWPDQGCWTYGNVRVSVE
DVTVLVDYTVRKFCIQQVGDVTNRKPQRLITQFHFTSWPDFGVPFTPIGMLKFLKKVKACNPQYAGAIVVHCSAGVGRTG
TFVVIDAMLDMMHSERKVDVYGFVSRIRAQRCQMVQTDMQYVFIYQALLEHYLYGDTELEVT
;
_entity_poly.pdbx_strand_id   A,B
#
# COMPACT_ATOMS: atom_id res chain seq x y z
N LYS A 7 7.47 16.02 -9.33
CA LYS A 7 8.88 15.74 -9.78
C LYS A 7 9.65 15.05 -8.67
N TYR A 8 10.30 13.94 -9.03
CA TYR A 8 11.11 13.16 -8.10
C TYR A 8 12.52 12.96 -8.69
N PRO A 9 13.35 14.01 -8.63
CA PRO A 9 14.74 14.04 -9.13
C PRO A 9 15.69 13.13 -8.36
N PRO A 10 16.82 12.73 -8.99
CA PRO A 10 17.80 11.87 -8.30
C PRO A 10 18.26 12.51 -6.99
N LEU A 11 18.37 11.72 -5.94
CA LEU A 11 18.77 12.21 -4.65
C LEU A 11 20.23 11.99 -4.30
N PRO A 12 20.98 13.09 -4.02
CA PRO A 12 22.39 12.94 -3.68
C PRO A 12 22.43 12.15 -2.38
N VAL A 13 23.39 11.25 -2.21
CA VAL A 13 23.47 10.45 -0.98
C VAL A 13 23.47 11.25 0.33
N ASP A 14 24.03 12.46 0.29
CA ASP A 14 24.08 13.30 1.48
C ASP A 14 22.70 13.83 1.89
N LYS A 15 21.71 13.64 1.02
CA LYS A 15 20.35 14.10 1.27
C LYS A 15 19.38 12.93 1.30
N LEU A 16 19.92 11.71 1.21
CA LEU A 16 19.11 10.49 1.22
C LEU A 16 18.33 10.30 2.52
N GLU A 17 19.05 10.29 3.64
CA GLU A 17 18.43 10.08 4.95
C GLU A 17 17.32 11.07 5.29
N GLU A 18 17.60 12.37 5.13
CA GLU A 18 16.60 13.39 5.45
C GLU A 18 15.35 13.26 4.56
N GLU A 19 15.55 12.95 3.29
CA GLU A 19 14.43 12.81 2.37
C GLU A 19 13.60 11.59 2.75
N ILE A 20 14.25 10.52 3.18
CA ILE A 20 13.56 9.31 3.59
C ILE A 20 12.67 9.61 4.80
N ASN A 21 13.23 10.28 5.80
CA ASN A 21 12.49 10.65 7.00
C ASN A 21 11.31 11.53 6.62
N ARG A 22 11.57 12.50 5.75
CA ARG A 22 10.54 13.42 5.28
C ARG A 22 9.41 12.70 4.54
N ARG A 23 9.78 11.73 3.71
CA ARG A 23 8.80 10.97 2.94
C ARG A 23 8.11 9.86 3.74
N MET A 24 8.72 9.46 4.86
CA MET A 24 8.15 8.44 5.71
C MET A 24 7.14 9.05 6.68
N ALA A 25 7.25 10.37 6.87
CA ALA A 25 6.36 11.09 7.76
C ALA A 25 4.91 10.91 7.35
N ASP A 26 4.02 10.99 8.34
CA ASP A 26 2.59 10.85 8.10
C ASP A 26 2.26 9.53 7.41
N ASP A 27 2.75 8.44 7.98
CA ASP A 27 2.54 7.10 7.47
C ASP A 27 2.91 6.99 5.99
N ASN A 28 4.17 7.26 5.67
CA ASN A 28 4.68 7.18 4.31
C ASN A 28 3.85 7.92 3.27
N LYS A 29 3.26 9.05 3.65
CA LYS A 29 2.43 9.85 2.74
C LYS A 29 3.12 10.17 1.40
N LEU A 30 4.25 10.86 1.47
CA LEU A 30 4.97 11.26 0.26
C LEU A 30 5.49 10.06 -0.53
N PHE A 31 5.95 9.02 0.18
CA PHE A 31 6.45 7.82 -0.49
C PHE A 31 5.31 7.15 -1.26
N ARG A 32 4.12 7.13 -0.65
CA ARG A 32 2.94 6.54 -1.26
C ARG A 32 2.55 7.35 -2.50
N GLU A 33 2.65 8.67 -2.39
CA GLU A 33 2.33 9.55 -3.51
C GLU A 33 3.30 9.28 -4.66
N GLU A 34 4.57 9.10 -4.30
CA GLU A 34 5.62 8.82 -5.28
C GLU A 34 5.32 7.51 -5.99
N PHE A 35 5.02 6.47 -5.21
CA PHE A 35 4.71 5.15 -5.74
C PHE A 35 3.49 5.24 -6.66
N ASN A 36 2.49 6.01 -6.23
CA ASN A 36 1.26 6.17 -7.02
C ASN A 36 1.50 7.03 -8.26
N ALA A 37 2.46 7.94 -8.16
CA ALA A 37 2.81 8.81 -9.28
C ALA A 37 3.52 8.04 -10.39
N LEU A 38 3.90 6.80 -10.08
CA LEU A 38 4.58 5.94 -11.04
C LEU A 38 3.63 5.50 -12.15
N PRO A 39 4.07 5.62 -13.40
CA PRO A 39 3.21 5.21 -14.52
C PRO A 39 3.05 3.69 -14.53
N ALA A 40 1.84 3.22 -14.77
CA ALA A 40 1.57 1.78 -14.83
C ALA A 40 2.50 1.19 -15.88
N CYS A 41 2.78 2.00 -16.89
CA CYS A 41 3.66 1.65 -18.01
C CYS A 41 3.91 2.98 -18.73
N PRO A 42 5.18 3.41 -18.80
CA PRO A 42 5.53 4.67 -19.47
C PRO A 42 5.35 4.64 -20.99
N ILE A 43 5.26 3.45 -21.56
CA ILE A 43 5.10 3.30 -23.00
C ILE A 43 3.93 2.38 -23.33
N GLN A 44 3.57 2.32 -24.61
CA GLN A 44 2.48 1.46 -25.05
C GLN A 44 3.02 0.09 -25.39
N ALA A 45 2.45 -0.94 -24.76
CA ALA A 45 2.90 -2.31 -25.00
C ALA A 45 1.74 -3.27 -25.22
N THR A 46 2.08 -4.48 -25.64
CA THR A 46 1.09 -5.53 -25.89
C THR A 46 1.53 -6.83 -25.22
N CYS A 47 0.57 -7.72 -24.98
CA CYS A 47 0.84 -9.01 -24.35
C CYS A 47 0.21 -10.13 -25.17
N GLU A 48 0.20 -9.95 -26.49
CA GLU A 48 -0.39 -10.93 -27.40
C GLU A 48 0.07 -12.37 -27.22
N ALA A 49 1.38 -12.59 -27.17
CA ALA A 49 1.93 -13.92 -27.01
C ALA A 49 1.44 -14.59 -25.72
N ALA A 50 1.39 -13.81 -24.64
CA ALA A 50 0.94 -14.31 -23.34
C ALA A 50 -0.56 -14.53 -23.29
N SER A 51 -1.28 -13.81 -24.14
CA SER A 51 -2.74 -13.90 -24.19
C SER A 51 -3.26 -15.03 -25.07
N LYS A 52 -2.36 -15.75 -25.74
CA LYS A 52 -2.78 -16.84 -26.62
C LYS A 52 -3.41 -18.00 -25.87
N GLU A 53 -4.51 -18.51 -26.43
CA GLU A 53 -5.28 -19.62 -25.85
C GLU A 53 -4.37 -20.77 -25.40
N GLU A 54 -3.43 -21.12 -26.25
CA GLU A 54 -2.48 -22.21 -26.00
C GLU A 54 -1.50 -21.92 -24.86
N ASN A 55 -1.34 -20.64 -24.52
CA ASN A 55 -0.42 -20.24 -23.46
C ASN A 55 -1.13 -19.82 -22.18
N LYS A 56 -2.44 -19.98 -22.13
CA LYS A 56 -3.20 -19.57 -20.95
C LYS A 56 -2.83 -20.30 -19.66
N GLU A 57 -2.54 -21.60 -19.76
CA GLU A 57 -2.17 -22.38 -18.57
C GLU A 57 -0.70 -22.22 -18.18
N LYS A 58 0.03 -21.42 -18.94
CA LYS A 58 1.44 -21.18 -18.67
C LYS A 58 1.62 -19.96 -17.78
N ASN A 59 0.51 -19.28 -17.49
CA ASN A 59 0.51 -18.09 -16.65
C ASN A 59 -0.13 -18.37 -15.30
N ARG A 60 0.41 -17.77 -14.26
CA ARG A 60 -0.11 -17.94 -12.90
C ARG A 60 -1.31 -17.03 -12.69
N TYR A 61 -1.22 -15.81 -13.22
CA TYR A 61 -2.30 -14.84 -13.09
C TYR A 61 -2.59 -14.24 -14.46
N VAL A 62 -3.87 -14.01 -14.74
CA VAL A 62 -4.29 -13.44 -16.02
C VAL A 62 -3.84 -11.99 -16.24
N ASN A 63 -3.59 -11.27 -15.15
CA ASN A 63 -3.18 -9.87 -15.25
C ASN A 63 -1.67 -9.64 -15.17
N ILE A 64 -0.90 -10.66 -14.82
CA ILE A 64 0.55 -10.52 -14.73
C ILE A 64 1.15 -11.20 -15.96
N LEU A 65 1.17 -10.48 -17.08
CA LEU A 65 1.68 -11.02 -18.33
C LEU A 65 2.86 -10.22 -18.85
N PRO A 66 3.82 -10.88 -19.52
CA PRO A 66 5.01 -10.22 -20.08
C PRO A 66 4.69 -9.50 -21.39
N TYR A 67 5.41 -8.41 -21.66
CA TYR A 67 5.21 -7.64 -22.88
C TYR A 67 5.91 -8.33 -24.03
N ASP A 68 5.33 -8.23 -25.23
CA ASP A 68 5.88 -8.88 -26.41
C ASP A 68 7.32 -8.47 -26.77
N HIS A 69 7.61 -7.19 -26.70
CA HIS A 69 8.94 -6.68 -27.04
C HIS A 69 10.08 -7.10 -26.12
N SER A 70 9.77 -7.34 -24.85
CA SER A 70 10.81 -7.71 -23.88
C SER A 70 10.76 -9.12 -23.33
N ARG A 71 9.77 -9.90 -23.76
CA ARG A 71 9.63 -11.27 -23.28
C ARG A 71 10.79 -12.15 -23.75
N VAL A 72 11.16 -13.11 -22.91
CA VAL A 72 12.25 -14.02 -23.24
C VAL A 72 11.71 -15.12 -24.15
N HIS A 73 12.22 -15.15 -25.38
CA HIS A 73 11.80 -16.14 -26.36
C HIS A 73 12.61 -17.42 -26.19
N LEU A 74 11.94 -18.56 -26.26
CA LEU A 74 12.60 -19.86 -26.13
C LEU A 74 12.67 -20.49 -27.52
N THR A 75 13.71 -21.27 -27.78
CA THR A 75 13.84 -21.94 -29.06
C THR A 75 12.75 -23.01 -29.05
N PRO A 76 11.81 -22.94 -30.00
CA PRO A 76 10.71 -23.90 -30.09
C PRO A 76 11.15 -25.36 -30.12
N VAL A 77 10.56 -26.16 -29.23
CA VAL A 77 10.86 -27.58 -29.18
C VAL A 77 10.18 -28.22 -30.39
N GLU A 78 10.94 -28.99 -31.15
CA GLU A 78 10.41 -29.64 -32.34
C GLU A 78 9.22 -30.52 -31.95
N GLY A 79 8.10 -30.30 -32.65
CA GLY A 79 6.90 -31.06 -32.37
C GLY A 79 5.92 -30.34 -31.46
N VAL A 80 6.39 -29.33 -30.73
CA VAL A 80 5.55 -28.59 -29.81
C VAL A 80 5.41 -27.12 -30.20
N PRO A 81 4.30 -26.76 -30.86
CA PRO A 81 4.08 -25.37 -31.26
C PRO A 81 3.84 -24.52 -30.01
N ASP A 82 4.18 -23.24 -30.09
CA ASP A 82 4.00 -22.30 -28.97
C ASP A 82 4.95 -22.51 -27.80
N SER A 83 5.94 -23.40 -27.98
CA SER A 83 6.92 -23.69 -26.94
C SER A 83 7.98 -22.58 -26.86
N ASP A 84 7.73 -21.48 -27.56
CA ASP A 84 8.65 -20.35 -27.59
C ASP A 84 8.29 -19.40 -26.44
N TYR A 85 7.12 -19.61 -25.86
CA TYR A 85 6.63 -18.78 -24.78
C TYR A 85 6.98 -19.20 -23.36
N ILE A 86 7.15 -18.19 -22.51
CA ILE A 86 7.44 -18.35 -21.09
C ILE A 86 7.17 -17.00 -20.43
N ASN A 87 6.55 -17.03 -19.26
CA ASN A 87 6.23 -15.80 -18.54
C ASN A 87 7.50 -15.29 -17.88
N ALA A 88 8.25 -14.48 -18.63
CA ALA A 88 9.50 -13.90 -18.15
C ALA A 88 9.87 -12.73 -19.06
N SER A 89 10.51 -11.72 -18.46
CA SER A 89 10.91 -10.53 -19.21
C SER A 89 12.34 -10.11 -18.89
N PHE A 90 13.03 -9.59 -19.91
CA PHE A 90 14.40 -9.11 -19.75
C PHE A 90 14.35 -7.77 -19.03
N ILE A 91 15.15 -7.63 -17.98
CA ILE A 91 15.18 -6.39 -17.21
C ILE A 91 16.59 -5.81 -17.19
N ASN A 92 16.68 -4.49 -17.30
CA ASN A 92 17.96 -3.79 -17.28
C ASN A 92 18.44 -3.53 -15.86
N GLY A 93 19.76 -3.54 -15.69
CA GLY A 93 20.35 -3.24 -14.40
C GLY A 93 20.79 -1.80 -14.55
N TYR A 94 21.32 -1.19 -13.48
CA TYR A 94 21.78 0.20 -13.51
C TYR A 94 22.45 0.59 -14.84
N GLN A 95 23.61 0.02 -15.11
CA GLN A 95 24.33 0.29 -16.37
C GLN A 95 24.66 -1.03 -17.03
N GLU A 96 23.65 -1.89 -17.10
CA GLU A 96 23.79 -3.20 -17.71
C GLU A 96 22.49 -3.58 -18.40
N LYS A 97 22.43 -3.34 -19.71
CA LYS A 97 21.25 -3.66 -20.49
C LYS A 97 21.01 -5.17 -20.49
N ASN A 98 19.80 -5.57 -20.11
CA ASN A 98 19.40 -6.97 -20.06
C ASN A 98 20.22 -7.83 -19.09
N LYS A 99 20.43 -7.29 -17.90
CA LYS A 99 21.19 -7.97 -16.85
C LYS A 99 20.39 -9.11 -16.22
N PHE A 100 19.11 -8.86 -15.96
CA PHE A 100 18.25 -9.85 -15.32
C PHE A 100 17.14 -10.35 -16.25
N ILE A 101 16.45 -11.37 -15.76
CA ILE A 101 15.31 -11.96 -16.42
C ILE A 101 14.30 -12.13 -15.29
N ALA A 102 13.34 -11.21 -15.22
CA ALA A 102 12.30 -11.27 -14.19
C ALA A 102 11.37 -12.37 -14.66
N ALA A 103 11.40 -13.50 -13.98
CA ALA A 103 10.57 -14.62 -14.35
C ALA A 103 9.54 -15.04 -13.31
N GLN A 104 8.43 -15.57 -13.79
CA GLN A 104 7.36 -16.06 -12.94
C GLN A 104 7.87 -17.38 -12.35
N GLY A 105 7.48 -17.68 -11.12
CA GLY A 105 7.88 -18.94 -10.52
C GLY A 105 7.25 -20.00 -11.39
N PRO A 106 7.97 -21.07 -11.75
CA PRO A 106 7.36 -22.08 -12.61
C PRO A 106 6.21 -22.88 -11.99
N LYS A 107 5.27 -23.27 -12.85
CA LYS A 107 4.13 -24.08 -12.49
C LYS A 107 4.55 -25.48 -12.90
N GLU A 108 3.80 -26.49 -12.48
CA GLU A 108 4.12 -27.88 -12.83
C GLU A 108 4.26 -28.01 -14.34
N GLU A 109 3.40 -27.30 -15.06
CA GLU A 109 3.38 -27.32 -16.51
C GLU A 109 4.50 -26.53 -17.19
N THR A 110 5.15 -25.63 -16.46
CA THR A 110 6.21 -24.82 -17.06
C THR A 110 7.62 -25.09 -16.54
N VAL A 111 7.77 -26.10 -15.68
CA VAL A 111 9.08 -26.44 -15.11
C VAL A 111 10.12 -26.72 -16.20
N ASN A 112 9.73 -27.47 -17.23
CA ASN A 112 10.63 -27.80 -18.33
C ASN A 112 11.02 -26.56 -19.12
N ASP A 113 10.05 -25.70 -19.38
CA ASP A 113 10.29 -24.45 -20.12
C ASP A 113 11.26 -23.60 -19.32
N PHE A 114 11.08 -23.58 -18.01
CA PHE A 114 11.93 -22.80 -17.12
C PHE A 114 13.39 -23.27 -17.25
N TRP A 115 13.60 -24.58 -17.23
CA TRP A 115 14.95 -25.12 -17.35
C TRP A 115 15.55 -24.88 -18.73
N ARG A 116 14.71 -24.93 -19.77
CA ARG A 116 15.18 -24.69 -21.13
C ARG A 116 15.74 -23.27 -21.20
N MET A 117 15.03 -22.34 -20.56
CA MET A 117 15.44 -20.95 -20.53
C MET A 117 16.80 -20.80 -19.87
N ILE A 118 16.95 -21.44 -18.71
CA ILE A 118 18.20 -21.40 -17.96
C ILE A 118 19.37 -21.81 -18.85
N TRP A 119 19.17 -22.89 -19.61
CA TRP A 119 20.20 -23.40 -20.51
C TRP A 119 20.46 -22.44 -21.67
N GLU A 120 19.42 -22.19 -22.47
CA GLU A 120 19.54 -21.31 -23.64
C GLU A 120 20.13 -19.92 -23.35
N GLN A 121 19.79 -19.35 -22.20
CA GLN A 121 20.27 -18.03 -21.83
C GLN A 121 21.66 -18.07 -21.20
N ASN A 122 22.20 -19.27 -21.02
CA ASN A 122 23.52 -19.47 -20.41
C ASN A 122 23.54 -18.80 -19.04
N THR A 123 22.44 -18.96 -18.31
CA THR A 123 22.29 -18.40 -16.99
C THR A 123 23.13 -19.20 -16.00
N ALA A 124 23.82 -18.52 -15.10
CA ALA A 124 24.66 -19.17 -14.10
C ALA A 124 24.14 -18.94 -12.69
N THR A 125 23.27 -17.94 -12.54
CA THR A 125 22.70 -17.61 -11.23
C THR A 125 21.19 -17.45 -11.26
N ILE A 126 20.52 -18.10 -10.33
CA ILE A 126 19.07 -18.02 -10.19
C ILE A 126 18.81 -17.43 -8.81
N VAL A 127 17.94 -16.44 -8.73
CA VAL A 127 17.60 -15.80 -7.48
C VAL A 127 16.11 -16.08 -7.23
N MET A 128 15.83 -16.82 -6.16
CA MET A 128 14.47 -17.18 -5.81
C MET A 128 14.07 -16.44 -4.54
N VAL A 129 13.13 -15.51 -4.65
CA VAL A 129 12.70 -14.72 -3.51
C VAL A 129 11.33 -15.14 -2.94
N THR A 130 11.09 -16.44 -2.87
CA THR A 130 9.84 -16.96 -2.31
C THR A 130 10.03 -18.34 -1.73
N ASN A 131 9.15 -18.69 -0.80
CA ASN A 131 9.15 -20.00 -0.18
C ASN A 131 8.16 -20.76 -1.05
N LEU A 132 8.34 -22.07 -1.14
CA LEU A 132 7.48 -22.90 -1.98
C LEU A 132 6.01 -22.81 -1.58
N LYS A 133 5.76 -22.61 -0.29
CA LYS A 133 4.40 -22.52 0.21
C LYS A 133 4.17 -21.39 1.20
N GLU A 134 2.99 -20.78 1.10
CA GLU A 134 2.60 -19.68 1.98
C GLU A 134 1.17 -19.95 2.40
N ARG A 135 0.91 -19.87 3.71
CA ARG A 135 -0.43 -20.10 4.27
C ARG A 135 -1.26 -21.16 3.53
N LYS A 136 -0.64 -22.31 3.26
CA LYS A 136 -1.28 -23.45 2.61
C LYS A 136 -1.33 -23.53 1.09
N GLU A 137 -0.99 -22.46 0.38
CA GLU A 137 -1.03 -22.49 -1.06
C GLU A 137 0.32 -22.63 -1.73
N CYS A 138 0.36 -23.44 -2.78
CA CYS A 138 1.59 -23.66 -3.54
C CYS A 138 1.83 -22.37 -4.34
N LYS A 139 2.92 -21.69 -4.02
CA LYS A 139 3.25 -20.43 -4.69
C LYS A 139 4.34 -20.59 -5.74
N CYS A 140 4.97 -21.75 -5.74
CA CYS A 140 6.03 -22.04 -6.71
C CYS A 140 6.28 -23.54 -6.71
N ALA A 141 6.34 -24.13 -7.90
CA ALA A 141 6.60 -25.55 -8.03
C ALA A 141 8.08 -25.78 -7.78
N GLN A 142 8.41 -26.82 -7.02
CA GLN A 142 9.82 -27.12 -6.73
C GLN A 142 10.44 -27.68 -8.00
N TYR A 143 11.08 -26.81 -8.77
CA TYR A 143 11.72 -27.18 -10.02
C TYR A 143 13.07 -27.87 -9.88
N TRP A 144 13.38 -28.38 -8.69
CA TRP A 144 14.65 -29.07 -8.48
C TRP A 144 14.50 -30.25 -7.54
N PRO A 145 15.31 -31.30 -7.73
CA PRO A 145 15.22 -32.48 -6.86
C PRO A 145 15.90 -32.16 -5.52
N ASP A 146 15.49 -32.87 -4.47
CA ASP A 146 16.08 -32.65 -3.15
C ASP A 146 17.53 -33.14 -3.15
N GLN A 147 17.75 -34.26 -3.83
CA GLN A 147 19.05 -34.88 -3.97
C GLN A 147 18.96 -35.83 -5.16
N GLY A 148 20.11 -36.25 -5.68
CA GLY A 148 20.11 -37.15 -6.82
C GLY A 148 19.98 -36.39 -8.13
N CYS A 149 19.46 -37.05 -9.15
CA CYS A 149 19.29 -36.45 -10.47
C CYS A 149 17.89 -36.64 -11.02
N TRP A 150 17.52 -35.79 -11.97
CA TRP A 150 16.21 -35.84 -12.61
C TRP A 150 16.27 -35.08 -13.93
N THR A 151 15.59 -35.61 -14.95
CA THR A 151 15.58 -34.98 -16.26
C THR A 151 14.28 -34.22 -16.50
N TYR A 152 14.40 -32.90 -16.62
CA TYR A 152 13.26 -32.03 -16.88
C TYR A 152 13.29 -31.72 -18.38
N GLY A 153 12.47 -32.44 -19.14
CA GLY A 153 12.44 -32.26 -20.58
C GLY A 153 13.74 -32.77 -21.16
N ASN A 154 14.55 -31.86 -21.69
CA ASN A 154 15.83 -32.24 -22.27
C ASN A 154 17.00 -31.80 -21.39
N VAL A 155 16.69 -31.25 -20.22
CA VAL A 155 17.73 -30.79 -19.30
C VAL A 155 17.84 -31.68 -18.07
N ARG A 156 19.01 -32.28 -17.87
CA ARG A 156 19.27 -33.13 -16.73
C ARG A 156 19.77 -32.23 -15.61
N VAL A 157 19.18 -32.36 -14.42
CA VAL A 157 19.57 -31.54 -13.28
C VAL A 157 19.88 -32.41 -12.07
N SER A 158 21.03 -32.14 -11.45
CA SER A 158 21.45 -32.88 -10.26
C SER A 158 21.96 -31.93 -9.19
N VAL A 159 21.65 -32.22 -7.93
CA VAL A 159 22.09 -31.39 -6.82
C VAL A 159 23.52 -31.74 -6.43
N GLU A 160 24.38 -30.73 -6.42
CA GLU A 160 25.78 -30.92 -6.05
C GLU A 160 26.08 -30.46 -4.63
N ASP A 161 25.30 -29.50 -4.13
CA ASP A 161 25.51 -28.99 -2.78
C ASP A 161 24.34 -28.13 -2.32
N VAL A 162 24.13 -28.09 -1.01
CA VAL A 162 23.07 -27.29 -0.40
C VAL A 162 23.64 -26.70 0.89
N THR A 163 23.72 -25.37 0.94
CA THR A 163 24.24 -24.68 2.11
C THR A 163 23.13 -23.78 2.65
N VAL A 164 22.63 -24.10 3.84
CA VAL A 164 21.57 -23.33 4.45
C VAL A 164 22.15 -22.28 5.38
N LEU A 165 21.94 -21.01 5.04
CA LEU A 165 22.43 -19.91 5.87
C LEU A 165 21.23 -19.30 6.59
N VAL A 166 21.48 -18.25 7.37
CA VAL A 166 20.44 -17.58 8.14
C VAL A 166 19.20 -17.13 7.35
N ASP A 167 19.37 -16.23 6.40
CA ASP A 167 18.24 -15.71 5.62
C ASP A 167 18.04 -16.35 4.25
N TYR A 168 18.96 -17.20 3.83
CA TYR A 168 18.86 -17.84 2.52
C TYR A 168 19.62 -19.15 2.42
N THR A 169 19.27 -19.94 1.41
CA THR A 169 19.90 -21.22 1.15
C THR A 169 20.51 -21.18 -0.24
N VAL A 170 21.75 -21.66 -0.36
CA VAL A 170 22.45 -21.69 -1.63
C VAL A 170 22.48 -23.14 -2.13
N ARG A 171 21.95 -23.37 -3.32
CA ARG A 171 21.93 -24.71 -3.90
C ARG A 171 22.72 -24.74 -5.21
N LYS A 172 23.61 -25.70 -5.35
CA LYS A 172 24.43 -25.85 -6.54
C LYS A 172 23.87 -26.97 -7.40
N PHE A 173 23.60 -26.69 -8.67
CA PHE A 173 23.06 -27.70 -9.57
C PHE A 173 23.97 -27.93 -10.76
N CYS A 174 23.99 -29.16 -11.24
CA CYS A 174 24.77 -29.53 -12.41
C CYS A 174 23.75 -29.83 -13.50
N ILE A 175 23.62 -28.92 -14.46
CA ILE A 175 22.67 -29.13 -15.55
C ILE A 175 23.39 -29.61 -16.80
N GLN A 176 22.65 -30.30 -17.67
CA GLN A 176 23.24 -30.90 -18.85
C GLN A 176 22.20 -31.03 -19.97
N GLN A 177 22.63 -30.86 -21.22
CA GLN A 177 21.76 -30.95 -22.40
C GLN A 177 20.79 -29.77 -22.50
N GLN A 187 28.50 -29.59 -19.62
CA GLN A 187 27.71 -29.45 -18.38
C GLN A 187 27.98 -28.09 -17.77
N ARG A 188 27.04 -27.57 -16.98
CA ARG A 188 27.20 -26.27 -16.35
C ARG A 188 26.78 -26.34 -14.90
N LEU A 189 27.53 -25.65 -14.04
CA LEU A 189 27.23 -25.61 -12.62
C LEU A 189 26.56 -24.26 -12.37
N ILE A 190 25.27 -24.30 -12.02
CA ILE A 190 24.54 -23.06 -11.75
C ILE A 190 24.23 -22.97 -10.27
N THR A 191 24.20 -21.74 -9.75
CA THR A 191 23.94 -21.52 -8.34
C THR A 191 22.58 -20.84 -8.11
N GLN A 192 21.79 -21.41 -7.21
CA GLN A 192 20.49 -20.86 -6.87
C GLN A 192 20.55 -20.24 -5.49
N PHE A 193 20.23 -18.95 -5.41
CA PHE A 193 20.21 -18.24 -4.15
C PHE A 193 18.75 -18.12 -3.77
N HIS A 194 18.35 -18.88 -2.76
CA HIS A 194 16.96 -18.91 -2.30
C HIS A 194 16.75 -18.10 -1.03
N PHE A 195 16.17 -16.91 -1.17
CA PHE A 195 15.89 -16.05 -0.02
C PHE A 195 14.65 -16.62 0.66
N THR A 196 14.82 -17.06 1.91
CA THR A 196 13.72 -17.65 2.66
C THR A 196 13.08 -16.74 3.71
N SER A 197 13.69 -15.58 3.95
CA SER A 197 13.20 -14.66 4.96
C SER A 197 12.09 -13.67 4.61
N TRP A 198 11.47 -13.78 3.44
CA TRP A 198 10.39 -12.85 3.10
C TRP A 198 9.09 -13.31 3.74
N PRO A 199 8.43 -12.41 4.50
CA PRO A 199 7.17 -12.72 5.17
C PRO A 199 5.98 -12.88 4.21
N ASP A 200 4.95 -13.58 4.69
CA ASP A 200 3.74 -13.82 3.90
C ASP A 200 3.03 -12.51 3.60
N PHE A 201 3.18 -11.55 4.51
CA PHE A 201 2.57 -10.24 4.37
C PHE A 201 3.61 -9.14 4.54
N GLY A 202 3.44 -8.06 3.78
CA GLY A 202 4.36 -6.93 3.86
C GLY A 202 5.78 -7.23 3.43
N VAL A 203 6.72 -6.49 4.01
CA VAL A 203 8.14 -6.63 3.71
C VAL A 203 8.90 -6.97 4.99
N PRO A 204 10.17 -7.38 4.87
CA PRO A 204 10.98 -7.72 6.04
C PRO A 204 11.13 -6.54 6.99
N PHE A 205 11.14 -6.84 8.30
CA PHE A 205 11.27 -5.80 9.32
C PHE A 205 12.52 -4.95 9.11
N THR A 206 13.60 -5.58 8.67
CA THR A 206 14.85 -4.86 8.43
C THR A 206 15.42 -5.27 7.07
N PRO A 207 16.11 -4.34 6.38
CA PRO A 207 16.70 -4.60 5.06
C PRO A 207 17.97 -5.45 5.14
N ILE A 208 18.54 -5.57 6.34
CA ILE A 208 19.77 -6.31 6.57
C ILE A 208 19.86 -7.65 5.83
N GLY A 209 18.83 -8.48 5.97
CA GLY A 209 18.82 -9.78 5.32
C GLY A 209 18.95 -9.73 3.81
N MET A 210 18.22 -8.81 3.20
CA MET A 210 18.22 -8.65 1.75
C MET A 210 19.55 -8.09 1.25
N LEU A 211 20.17 -7.22 2.03
CA LEU A 211 21.45 -6.63 1.66
C LEU A 211 22.55 -7.67 1.65
N LYS A 212 22.56 -8.55 2.65
CA LYS A 212 23.55 -9.61 2.74
C LYS A 212 23.34 -10.57 1.57
N PHE A 213 22.08 -10.82 1.27
CA PHE A 213 21.68 -11.70 0.18
C PHE A 213 22.17 -11.12 -1.15
N LEU A 214 21.90 -9.82 -1.35
CA LEU A 214 22.30 -9.11 -2.56
C LEU A 214 23.82 -9.15 -2.70
N LYS A 215 24.50 -8.87 -1.59
CA LYS A 215 25.96 -8.84 -1.52
C LYS A 215 26.58 -10.12 -2.07
N LYS A 216 26.11 -11.27 -1.57
CA LYS A 216 26.65 -12.56 -1.99
C LYS A 216 26.35 -12.89 -3.45
N VAL A 217 25.15 -12.56 -3.92
CA VAL A 217 24.78 -12.84 -5.30
C VAL A 217 25.71 -12.08 -6.25
N LYS A 218 25.98 -10.81 -5.93
CA LYS A 218 26.85 -9.98 -6.74
C LYS A 218 28.26 -10.57 -6.81
N ALA A 219 28.73 -11.09 -5.68
CA ALA A 219 30.06 -11.68 -5.59
C ALA A 219 30.22 -13.03 -6.27
N CYS A 220 29.15 -13.80 -6.33
CA CYS A 220 29.22 -15.14 -6.94
C CYS A 220 28.84 -15.25 -8.42
N ASN A 221 27.98 -14.35 -8.92
CA ASN A 221 27.60 -14.41 -10.32
C ASN A 221 28.77 -14.10 -11.25
N PRO A 222 29.08 -15.02 -12.17
CA PRO A 222 30.18 -14.87 -13.13
C PRO A 222 30.08 -13.62 -14.00
N GLN A 223 31.22 -13.01 -14.27
CA GLN A 223 31.32 -11.79 -15.07
C GLN A 223 30.95 -12.03 -16.54
N TYR A 224 31.31 -13.20 -17.05
CA TYR A 224 31.04 -13.53 -18.46
C TYR A 224 29.99 -14.62 -18.62
N ALA A 225 28.84 -14.42 -18.01
CA ALA A 225 27.74 -15.38 -18.09
C ALA A 225 26.49 -14.71 -18.62
N GLY A 226 25.47 -15.51 -18.92
CA GLY A 226 24.23 -14.97 -19.43
C GLY A 226 23.41 -14.30 -18.33
N ALA A 227 22.24 -13.79 -18.72
CA ALA A 227 21.35 -13.10 -17.80
C ALA A 227 21.02 -13.89 -16.54
N ILE A 228 20.93 -13.16 -15.42
CA ILE A 228 20.62 -13.72 -14.12
C ILE A 228 19.10 -13.86 -14.02
N VAL A 229 18.62 -15.04 -13.67
CA VAL A 229 17.17 -15.26 -13.55
C VAL A 229 16.68 -15.02 -12.13
N VAL A 230 15.92 -13.95 -11.94
CA VAL A 230 15.37 -13.61 -10.64
C VAL A 230 13.88 -13.94 -10.69
N HIS A 231 13.34 -14.54 -9.64
CA HIS A 231 11.93 -14.89 -9.66
C HIS A 231 11.30 -15.09 -8.28
N CYS A 232 9.99 -14.88 -8.24
CA CYS A 232 9.20 -15.04 -7.03
C CYS A 232 7.95 -15.79 -7.53
N SER A 233 6.76 -15.42 -7.05
CA SER A 233 5.55 -16.09 -7.50
C SER A 233 5.14 -15.50 -8.85
N ALA A 234 4.77 -14.22 -8.85
CA ALA A 234 4.36 -13.53 -10.08
C ALA A 234 5.56 -13.06 -10.91
N GLY A 235 6.72 -13.00 -10.28
CA GLY A 235 7.93 -12.57 -10.96
C GLY A 235 8.03 -11.08 -11.20
N VAL A 236 7.33 -10.29 -10.38
CA VAL A 236 7.35 -8.84 -10.51
C VAL A 236 7.55 -8.12 -9.16
N GLY A 237 6.88 -8.62 -8.13
CA GLY A 237 6.96 -8.01 -6.82
C GLY A 237 8.33 -7.98 -6.15
N ARG A 238 8.66 -9.04 -5.44
CA ARG A 238 9.95 -9.13 -4.75
C ARG A 238 11.10 -9.18 -5.75
N THR A 239 10.79 -9.63 -6.96
CA THR A 239 11.77 -9.72 -8.03
C THR A 239 12.18 -8.29 -8.39
N GLY A 240 11.19 -7.41 -8.50
CA GLY A 240 11.45 -6.03 -8.83
C GLY A 240 12.21 -5.34 -7.71
N THR A 241 11.84 -5.65 -6.47
CA THR A 241 12.50 -5.08 -5.30
C THR A 241 13.99 -5.42 -5.33
N PHE A 242 14.31 -6.67 -5.64
CA PHE A 242 15.69 -7.13 -5.72
C PHE A 242 16.46 -6.37 -6.80
N VAL A 243 15.89 -6.34 -8.00
CA VAL A 243 16.50 -5.67 -9.14
C VAL A 243 16.75 -4.18 -8.87
N VAL A 244 15.73 -3.49 -8.37
CA VAL A 244 15.85 -2.07 -8.08
C VAL A 244 16.91 -1.76 -7.03
N ILE A 245 16.95 -2.57 -5.96
CA ILE A 245 17.95 -2.36 -4.90
C ILE A 245 19.34 -2.55 -5.52
N ASP A 246 19.50 -3.62 -6.28
CA ASP A 246 20.76 -3.94 -6.95
C ASP A 246 21.23 -2.75 -7.79
N ALA A 247 20.33 -2.27 -8.66
CA ALA A 247 20.62 -1.16 -9.55
C ALA A 247 21.00 0.11 -8.78
N MET A 248 20.23 0.44 -7.75
CA MET A 248 20.48 1.62 -6.96
C MET A 248 21.75 1.56 -6.13
N LEU A 249 22.17 0.34 -5.77
CA LEU A 249 23.40 0.17 -5.01
C LEU A 249 24.56 0.50 -5.93
N ASP A 250 24.44 0.10 -7.19
CA ASP A 250 25.46 0.36 -8.20
C ASP A 250 25.51 1.86 -8.48
N MET A 251 24.34 2.46 -8.68
CA MET A 251 24.23 3.89 -8.95
C MET A 251 24.82 4.68 -7.78
N MET A 252 24.58 4.18 -6.57
CA MET A 252 25.07 4.81 -5.34
C MET A 252 26.60 4.76 -5.24
N HIS A 253 27.22 3.82 -5.94
CA HIS A 253 28.67 3.68 -5.93
C HIS A 253 29.27 4.46 -7.09
N SER A 254 28.58 4.44 -8.22
CA SER A 254 29.01 5.10 -9.44
C SER A 254 28.95 6.63 -9.41
N GLU A 255 27.86 7.19 -8.90
CA GLU A 255 27.70 8.63 -8.85
C GLU A 255 27.16 9.16 -7.54
N ARG A 256 27.29 8.36 -6.48
CA ARG A 256 26.84 8.71 -5.13
C ARG A 256 25.47 9.40 -5.11
N LYS A 257 24.54 8.83 -5.87
CA LYS A 257 23.18 9.32 -5.99
C LYS A 257 22.25 8.14 -6.23
N VAL A 258 20.95 8.34 -6.06
CA VAL A 258 19.97 7.29 -6.29
C VAL A 258 18.78 7.88 -7.04
N ASP A 259 18.19 7.08 -7.92
CA ASP A 259 17.04 7.53 -8.71
C ASP A 259 16.02 6.40 -8.76
N VAL A 260 15.45 6.09 -7.60
CA VAL A 260 14.47 5.03 -7.48
C VAL A 260 13.27 5.23 -8.40
N TYR A 261 12.65 6.41 -8.33
CA TYR A 261 11.50 6.73 -9.16
C TYR A 261 11.82 6.55 -10.64
N GLY A 262 12.89 7.20 -11.08
CA GLY A 262 13.30 7.11 -12.47
C GLY A 262 13.56 5.70 -12.95
N PHE A 263 14.31 4.93 -12.16
CA PHE A 263 14.64 3.56 -12.53
C PHE A 263 13.42 2.64 -12.59
N VAL A 264 12.54 2.75 -11.59
CA VAL A 264 11.34 1.91 -11.56
C VAL A 264 10.45 2.24 -12.76
N SER A 265 10.36 3.53 -13.08
CA SER A 265 9.56 3.99 -14.21
C SER A 265 10.11 3.37 -15.49
N ARG A 266 11.43 3.37 -15.63
CA ARG A 266 12.09 2.83 -16.81
C ARG A 266 11.89 1.32 -17.01
N ILE A 267 12.14 0.54 -15.97
CA ILE A 267 11.98 -0.92 -16.09
C ILE A 267 10.53 -1.36 -16.26
N ARG A 268 9.58 -0.50 -15.92
CA ARG A 268 8.17 -0.84 -16.08
C ARG A 268 7.80 -0.90 -17.56
N ALA A 269 8.72 -0.40 -18.40
CA ALA A 269 8.53 -0.42 -19.85
C ALA A 269 8.94 -1.81 -20.35
N GLN A 270 9.61 -2.56 -19.49
CA GLN A 270 10.06 -3.91 -19.83
C GLN A 270 9.12 -4.96 -19.24
N ARG A 271 8.58 -4.69 -18.05
CA ARG A 271 7.65 -5.61 -17.41
C ARG A 271 6.71 -4.87 -16.50
N CYS A 272 5.43 -5.27 -16.53
CA CYS A 272 4.39 -4.64 -15.72
C CYS A 272 4.58 -4.83 -14.22
N GLN A 273 4.06 -3.88 -13.45
CA GLN A 273 4.11 -3.91 -12.00
C GLN A 273 5.43 -4.19 -11.30
N MET A 274 6.56 -3.80 -11.88
CA MET A 274 7.82 -4.01 -11.21
C MET A 274 7.72 -3.16 -9.95
N VAL A 275 7.78 -3.83 -8.79
CA VAL A 275 7.60 -3.24 -7.47
C VAL A 275 6.09 -3.15 -7.32
N GLN A 276 5.51 -4.22 -6.77
CA GLN A 276 4.06 -4.33 -6.60
C GLN A 276 3.40 -3.50 -5.51
N THR A 277 4.06 -3.36 -4.37
CA THR A 277 3.47 -2.61 -3.26
C THR A 277 4.25 -1.36 -2.87
N ASP A 278 3.57 -0.46 -2.17
CA ASP A 278 4.17 0.77 -1.69
C ASP A 278 5.15 0.48 -0.55
N MET A 279 4.90 -0.60 0.17
CA MET A 279 5.77 -0.99 1.28
C MET A 279 7.08 -1.50 0.69
N GLN A 280 6.99 -2.15 -0.47
CA GLN A 280 8.17 -2.67 -1.16
C GLN A 280 8.98 -1.46 -1.64
N TYR A 281 8.27 -0.42 -2.09
CA TYR A 281 8.90 0.80 -2.57
C TYR A 281 9.68 1.43 -1.42
N VAL A 282 9.03 1.54 -0.26
CA VAL A 282 9.67 2.11 0.92
C VAL A 282 10.84 1.23 1.37
N PHE A 283 10.67 -0.09 1.22
CA PHE A 283 11.71 -1.04 1.59
C PHE A 283 12.98 -0.81 0.79
N ILE A 284 12.83 -0.48 -0.49
CA ILE A 284 13.97 -0.22 -1.37
C ILE A 284 14.78 0.94 -0.80
N TYR A 285 14.10 2.04 -0.52
CA TYR A 285 14.73 3.23 0.03
C TYR A 285 15.45 2.94 1.35
N GLN A 286 14.76 2.23 2.25
CA GLN A 286 15.35 1.89 3.54
C GLN A 286 16.59 1.00 3.40
N ALA A 287 16.58 0.13 2.40
CA ALA A 287 17.72 -0.75 2.16
C ALA A 287 18.89 0.09 1.70
N LEU A 288 18.59 1.07 0.84
CA LEU A 288 19.60 1.99 0.32
C LEU A 288 20.28 2.75 1.46
N LEU A 289 19.45 3.26 2.38
CA LEU A 289 19.97 4.01 3.52
C LEU A 289 20.83 3.13 4.42
N GLU A 290 20.33 1.94 4.71
CA GLU A 290 21.04 0.98 5.57
C GLU A 290 22.44 0.68 5.05
N HIS A 291 22.57 0.54 3.73
CA HIS A 291 23.86 0.25 3.14
C HIS A 291 24.78 1.47 3.12
N TYR A 292 24.20 2.65 2.92
CA TYR A 292 24.96 3.90 2.89
C TYR A 292 25.55 4.18 4.26
N LEU A 293 24.71 4.06 5.28
CA LEU A 293 25.09 4.30 6.66
C LEU A 293 25.90 3.12 7.21
N TYR A 294 25.56 1.92 6.74
CA TYR A 294 26.17 0.68 7.19
C TYR A 294 26.06 0.54 8.72
N LYS B 7 -14.90 -6.48 -11.67
CA LYS B 7 -16.18 -6.24 -10.94
C LYS B 7 -16.04 -6.70 -9.49
N TYR B 8 -16.64 -5.95 -8.57
CA TYR B 8 -16.60 -6.27 -7.14
C TYR B 8 -18.00 -6.06 -6.57
N PRO B 9 -18.86 -7.09 -6.65
CA PRO B 9 -20.23 -7.04 -6.15
C PRO B 9 -20.35 -7.15 -4.63
N PRO B 10 -21.52 -6.79 -4.07
CA PRO B 10 -21.76 -6.86 -2.63
C PRO B 10 -21.60 -8.29 -2.13
N LEU B 11 -20.85 -8.47 -1.04
CA LEU B 11 -20.59 -9.78 -0.47
C LEU B 11 -21.57 -10.18 0.62
N PRO B 12 -22.29 -11.30 0.43
CA PRO B 12 -23.23 -11.75 1.45
C PRO B 12 -22.38 -12.15 2.67
N VAL B 13 -22.89 -11.91 3.87
CA VAL B 13 -22.12 -12.24 5.08
C VAL B 13 -21.59 -13.67 5.13
N ASP B 14 -22.32 -14.63 4.56
CA ASP B 14 -21.87 -16.02 4.57
C ASP B 14 -20.68 -16.31 3.66
N LYS B 15 -20.35 -15.35 2.81
CA LYS B 15 -19.23 -15.50 1.88
C LYS B 15 -18.11 -14.49 2.22
N LEU B 16 -18.29 -13.77 3.32
CA LEU B 16 -17.34 -12.77 3.77
C LEU B 16 -15.94 -13.32 4.12
N GLU B 17 -15.90 -14.29 5.02
CA GLU B 17 -14.61 -14.87 5.44
C GLU B 17 -13.79 -15.51 4.33
N GLU B 18 -14.44 -16.32 3.50
CA GLU B 18 -13.74 -16.99 2.41
C GLU B 18 -13.19 -15.98 1.40
N GLU B 19 -13.98 -14.95 1.09
CA GLU B 19 -13.54 -13.93 0.15
C GLU B 19 -12.36 -13.14 0.73
N ILE B 20 -12.40 -12.89 2.04
CA ILE B 20 -11.31 -12.17 2.69
C ILE B 20 -10.01 -12.98 2.59
N ASN B 21 -10.07 -14.25 2.95
CA ASN B 21 -8.90 -15.12 2.88
C ASN B 21 -8.40 -15.22 1.46
N ARG B 22 -9.34 -15.30 0.52
CA ARG B 22 -9.02 -15.39 -0.91
C ARG B 22 -8.30 -14.13 -1.37
N ARG B 23 -8.79 -12.97 -0.94
CA ARG B 23 -8.20 -11.70 -1.33
C ARG B 23 -6.94 -11.34 -0.55
N MET B 24 -6.72 -12.01 0.58
CA MET B 24 -5.53 -11.76 1.39
C MET B 24 -4.35 -12.59 0.90
N ALA B 25 -4.64 -13.60 0.08
CA ALA B 25 -3.60 -14.46 -0.48
C ALA B 25 -2.60 -13.63 -1.29
N ASP B 26 -1.39 -14.15 -1.46
CA ASP B 26 -0.34 -13.47 -2.21
C ASP B 26 -0.12 -12.04 -1.74
N ASP B 27 0.10 -11.86 -0.44
CA ASP B 27 0.33 -10.55 0.14
C ASP B 27 -0.77 -9.55 -0.22
N ASN B 28 -2.02 -9.93 0.00
CA ASN B 28 -3.17 -9.06 -0.29
C ASN B 28 -3.30 -8.65 -1.76
N LYS B 29 -2.84 -9.49 -2.68
CA LYS B 29 -2.90 -9.21 -4.11
C LYS B 29 -4.24 -8.71 -4.63
N LEU B 30 -5.30 -9.49 -4.41
CA LEU B 30 -6.63 -9.12 -4.87
C LEU B 30 -7.19 -7.89 -4.18
N PHE B 31 -6.93 -7.76 -2.88
CA PHE B 31 -7.41 -6.59 -2.12
C PHE B 31 -6.77 -5.32 -2.68
N ARG B 32 -5.48 -5.43 -3.00
CA ARG B 32 -4.73 -4.30 -3.56
C ARG B 32 -5.26 -3.92 -4.93
N GLU B 33 -5.51 -4.92 -5.77
CA GLU B 33 -6.04 -4.68 -7.11
C GLU B 33 -7.38 -3.97 -6.96
N GLU B 34 -8.17 -4.40 -5.99
CA GLU B 34 -9.48 -3.82 -5.73
C GLU B 34 -9.32 -2.36 -5.30
N PHE B 35 -8.40 -2.11 -4.39
CA PHE B 35 -8.13 -0.76 -3.89
C PHE B 35 -7.64 0.12 -5.04
N ASN B 36 -6.86 -0.47 -5.94
CA ASN B 36 -6.31 0.25 -7.09
C ASN B 36 -7.36 0.42 -8.19
N ALA B 37 -8.38 -0.43 -8.18
CA ALA B 37 -9.45 -0.36 -9.18
C ALA B 37 -10.46 0.69 -8.74
N LEU B 38 -10.22 1.25 -7.55
CA LEU B 38 -11.06 2.28 -6.96
C LEU B 38 -10.75 3.60 -7.67
N PRO B 39 -11.79 4.31 -8.14
CA PRO B 39 -11.56 5.58 -8.82
C PRO B 39 -11.06 6.68 -7.88
N ALA B 40 -10.15 7.52 -8.36
CA ALA B 40 -9.61 8.61 -7.55
C ALA B 40 -10.79 9.53 -7.19
N CYS B 41 -11.77 9.56 -8.08
CA CYS B 41 -12.98 10.34 -7.93
C CYS B 41 -13.87 9.86 -9.06
N PRO B 42 -15.02 9.27 -8.74
CA PRO B 42 -15.95 8.77 -9.76
C PRO B 42 -16.65 9.87 -10.57
N ILE B 43 -16.52 11.11 -10.11
CA ILE B 43 -17.13 12.24 -10.80
C ILE B 43 -16.15 13.41 -10.94
N GLN B 44 -16.53 14.41 -11.72
CA GLN B 44 -15.70 15.59 -11.93
C GLN B 44 -15.98 16.60 -10.83
N ALA B 45 -14.93 17.08 -10.17
CA ALA B 45 -15.10 18.05 -9.10
C ALA B 45 -14.01 19.11 -9.10
N THR B 46 -14.26 20.21 -8.40
CA THR B 46 -13.32 21.31 -8.29
C THR B 46 -13.01 21.64 -6.83
N CYS B 47 -11.89 22.32 -6.60
CA CYS B 47 -11.47 22.72 -5.26
C CYS B 47 -11.09 24.20 -5.24
N GLU B 48 -11.84 25.00 -6.01
CA GLU B 48 -11.60 26.44 -6.12
C GLU B 48 -11.53 27.15 -4.78
N ALA B 49 -12.53 26.93 -3.93
CA ALA B 49 -12.59 27.57 -2.61
C ALA B 49 -11.36 27.25 -1.77
N ALA B 50 -10.92 25.99 -1.81
CA ALA B 50 -9.75 25.56 -1.05
C ALA B 50 -8.45 26.10 -1.63
N SER B 51 -8.45 26.33 -2.95
CA SER B 51 -7.27 26.82 -3.64
C SER B 51 -7.08 28.34 -3.62
N LYS B 52 -8.00 29.06 -2.98
CA LYS B 52 -7.89 30.52 -2.91
C LYS B 52 -6.65 30.93 -2.13
N GLU B 53 -5.97 31.98 -2.61
CA GLU B 53 -4.76 32.51 -1.99
C GLU B 53 -4.94 32.74 -0.49
N GLU B 54 -6.06 33.34 -0.12
CA GLU B 54 -6.37 33.63 1.28
C GLU B 54 -6.68 32.39 2.12
N ASN B 55 -6.98 31.28 1.45
CA ASN B 55 -7.29 30.04 2.16
C ASN B 55 -6.11 29.06 2.17
N LYS B 56 -4.98 29.50 1.65
CA LYS B 56 -3.76 28.70 1.57
C LYS B 56 -3.34 28.13 2.92
N GLU B 57 -3.11 28.99 3.89
CA GLU B 57 -2.68 28.58 5.23
C GLU B 57 -3.71 27.81 6.05
N LYS B 58 -4.92 27.65 5.52
CA LYS B 58 -5.96 26.91 6.21
C LYS B 58 -5.91 25.43 5.89
N ASN B 59 -5.03 25.07 4.96
CA ASN B 59 -4.86 23.69 4.53
C ASN B 59 -3.56 23.12 5.05
N ARG B 60 -3.57 21.85 5.45
CA ARG B 60 -2.39 21.19 5.98
C ARG B 60 -1.48 20.73 4.84
N TYR B 61 -2.10 20.17 3.80
CA TYR B 61 -1.36 19.67 2.64
C TYR B 61 -1.99 20.28 1.38
N VAL B 62 -1.16 20.55 0.38
CA VAL B 62 -1.64 21.16 -0.86
C VAL B 62 -2.49 20.23 -1.72
N ASN B 63 -2.32 18.92 -1.53
CA ASN B 63 -3.07 17.94 -2.32
C ASN B 63 -4.33 17.38 -1.64
N ILE B 64 -4.48 17.62 -0.34
CA ILE B 64 -5.66 17.14 0.38
C ILE B 64 -6.60 18.33 0.58
N LEU B 65 -7.47 18.55 -0.40
CA LEU B 65 -8.43 19.66 -0.36
C LEU B 65 -9.86 19.16 -0.54
N PRO B 66 -10.84 19.88 0.04
CA PRO B 66 -12.24 19.52 -0.07
C PRO B 66 -12.86 20.03 -1.38
N TYR B 67 -13.81 19.26 -1.93
CA TYR B 67 -14.48 19.65 -3.16
C TYR B 67 -15.50 20.75 -2.87
N ASP B 68 -15.68 21.65 -3.83
CA ASP B 68 -16.61 22.76 -3.68
C ASP B 68 -18.05 22.37 -3.36
N HIS B 69 -18.55 21.32 -4.01
CA HIS B 69 -19.92 20.89 -3.80
C HIS B 69 -20.24 20.27 -2.45
N SER B 70 -19.27 19.58 -1.85
CA SER B 70 -19.49 18.93 -0.57
C SER B 70 -18.86 19.58 0.67
N ARG B 71 -18.09 20.64 0.45
CA ARG B 71 -17.43 21.32 1.56
C ARG B 71 -18.39 21.94 2.56
N VAL B 72 -18.00 21.92 3.84
CA VAL B 72 -18.82 22.50 4.89
C VAL B 72 -18.64 24.02 4.90
N HIS B 73 -19.74 24.73 4.69
CA HIS B 73 -19.72 26.18 4.68
C HIS B 73 -19.94 26.76 6.07
N LEU B 74 -19.14 27.74 6.43
CA LEU B 74 -19.24 28.39 7.73
C LEU B 74 -19.88 29.76 7.51
N THR B 75 -20.71 30.19 8.45
CA THR B 75 -21.33 31.51 8.36
C THR B 75 -20.18 32.50 8.51
N PRO B 76 -19.92 33.32 7.48
CA PRO B 76 -18.84 34.31 7.49
C PRO B 76 -18.86 35.24 8.69
N VAL B 77 -17.73 35.32 9.39
CA VAL B 77 -17.58 36.20 10.54
C VAL B 77 -17.55 37.63 9.98
N GLU B 78 -18.36 38.51 10.55
CA GLU B 78 -18.42 39.90 10.11
C GLU B 78 -17.04 40.53 10.17
N GLY B 79 -16.60 41.09 9.04
CA GLY B 79 -15.30 41.72 9.00
C GLY B 79 -14.18 40.81 8.56
N VAL B 80 -14.47 39.51 8.44
CA VAL B 80 -13.46 38.54 8.03
C VAL B 80 -13.87 37.82 6.74
N PRO B 81 -13.42 38.33 5.59
CA PRO B 81 -13.76 37.68 4.31
C PRO B 81 -13.14 36.29 4.25
N ASP B 82 -13.80 35.38 3.53
CA ASP B 82 -13.35 34.01 3.37
C ASP B 82 -13.41 33.13 4.60
N SER B 83 -14.02 33.63 5.68
CA SER B 83 -14.15 32.85 6.90
C SER B 83 -15.22 31.76 6.75
N ASP B 84 -15.75 31.65 5.54
CA ASP B 84 -16.77 30.65 5.24
C ASP B 84 -16.09 29.32 4.94
N TYR B 85 -14.78 29.37 4.76
CA TYR B 85 -14.01 28.19 4.43
C TYR B 85 -13.35 27.44 5.59
N ILE B 86 -13.32 26.12 5.43
CA ILE B 86 -12.71 25.20 6.38
C ILE B 86 -12.46 23.90 5.61
N ASN B 87 -11.30 23.30 5.80
CA ASN B 87 -10.99 22.06 5.11
C ASN B 87 -11.79 20.94 5.76
N ALA B 88 -12.97 20.68 5.22
CA ALA B 88 -13.86 19.64 5.72
C ALA B 88 -14.95 19.39 4.69
N SER B 89 -15.49 18.18 4.69
CA SER B 89 -16.54 17.81 3.74
C SER B 89 -17.61 16.94 4.37
N PHE B 90 -18.83 17.07 3.88
CA PHE B 90 -19.95 16.26 4.36
C PHE B 90 -19.80 14.87 3.74
N ILE B 91 -19.95 13.83 4.56
CA ILE B 91 -19.83 12.47 4.08
C ILE B 91 -21.10 11.70 4.44
N ASN B 92 -21.53 10.81 3.54
CA ASN B 92 -22.73 10.02 3.76
C ASN B 92 -22.45 8.73 4.52
N GLY B 93 -23.44 8.32 5.31
CA GLY B 93 -23.34 7.09 6.04
C GLY B 93 -24.12 6.09 5.20
N TYR B 94 -24.24 4.86 5.66
CA TYR B 94 -24.98 3.84 4.92
C TYR B 94 -26.42 4.26 4.62
N GLN B 95 -27.19 4.57 5.66
CA GLN B 95 -28.57 4.99 5.46
C GLN B 95 -28.84 6.41 5.96
N GLU B 96 -27.88 7.30 5.78
CA GLU B 96 -28.03 8.68 6.22
C GLU B 96 -27.19 9.64 5.39
N LYS B 97 -27.86 10.58 4.73
CA LYS B 97 -27.18 11.58 3.92
C LYS B 97 -26.52 12.59 4.85
N ASN B 98 -25.26 12.90 4.56
CA ASN B 98 -24.47 13.87 5.34
C ASN B 98 -24.39 13.57 6.83
N LYS B 99 -24.22 12.29 7.16
CA LYS B 99 -24.11 11.87 8.54
C LYS B 99 -22.82 12.37 9.19
N PHE B 100 -21.72 12.28 8.46
CA PHE B 100 -20.43 12.72 8.98
C PHE B 100 -19.89 13.98 8.31
N ILE B 101 -18.84 14.51 8.92
CA ILE B 101 -18.13 15.67 8.42
C ILE B 101 -16.67 15.23 8.52
N ALA B 102 -16.09 14.85 7.38
CA ALA B 102 -14.70 14.42 7.36
C ALA B 102 -13.91 15.71 7.39
N ALA B 103 -13.24 15.96 8.51
CA ALA B 103 -12.49 17.20 8.65
C ALA B 103 -11.00 17.02 8.92
N GLN B 104 -10.26 18.05 8.53
CA GLN B 104 -8.81 18.10 8.72
C GLN B 104 -8.58 18.46 10.19
N GLY B 105 -7.54 17.89 10.78
CA GLY B 105 -7.23 18.22 12.16
C GLY B 105 -6.92 19.70 12.13
N PRO B 106 -7.52 20.51 13.02
CA PRO B 106 -7.23 21.94 12.99
C PRO B 106 -5.79 22.34 13.25
N LYS B 107 -5.38 23.43 12.59
CA LYS B 107 -4.06 24.01 12.73
C LYS B 107 -4.30 25.16 13.70
N GLU B 108 -3.23 25.76 14.22
CA GLU B 108 -3.37 26.88 15.15
C GLU B 108 -4.24 27.97 14.52
N GLU B 109 -4.10 28.14 13.21
CA GLU B 109 -4.84 29.16 12.47
C GLU B 109 -6.30 28.80 12.21
N THR B 110 -6.67 27.53 12.37
CA THR B 110 -8.04 27.11 12.12
C THR B 110 -8.81 26.55 13.30
N VAL B 111 -8.29 26.73 14.51
CA VAL B 111 -8.95 26.22 15.71
C VAL B 111 -10.30 26.90 15.93
N ASN B 112 -10.35 28.22 15.76
CA ASN B 112 -11.57 28.99 15.93
C ASN B 112 -12.61 28.58 14.89
N ASP B 113 -12.16 28.42 13.65
CA ASP B 113 -13.04 28.02 12.56
C ASP B 113 -13.62 26.65 12.85
N PHE B 114 -12.78 25.77 13.40
CA PHE B 114 -13.20 24.41 13.75
C PHE B 114 -14.34 24.45 14.74
N TRP B 115 -14.18 25.25 15.81
CA TRP B 115 -15.21 25.36 16.82
C TRP B 115 -16.49 26.01 16.31
N ARG B 116 -16.36 26.92 15.35
CA ARG B 116 -17.53 27.58 14.77
C ARG B 116 -18.33 26.53 14.02
N MET B 117 -17.65 25.61 13.36
CA MET B 117 -18.30 24.54 12.61
C MET B 117 -19.08 23.66 13.59
N ILE B 118 -18.42 23.27 14.68
CA ILE B 118 -19.05 22.43 15.70
C ILE B 118 -20.37 23.03 16.16
N TRP B 119 -20.35 24.33 16.47
CA TRP B 119 -21.53 25.03 16.93
C TRP B 119 -22.61 25.15 15.85
N GLU B 120 -22.24 25.72 14.71
CA GLU B 120 -23.17 25.91 13.60
C GLU B 120 -23.87 24.64 13.12
N GLN B 121 -23.12 23.54 13.04
CA GLN B 121 -23.68 22.27 12.58
C GLN B 121 -24.44 21.52 13.65
N ASN B 122 -24.45 22.06 14.87
CA ASN B 122 -25.12 21.46 16.02
C ASN B 122 -24.55 20.05 16.26
N THR B 123 -23.23 19.95 16.09
CA THR B 123 -22.52 18.71 16.29
C THR B 123 -22.53 18.36 17.78
N ALA B 124 -22.72 17.07 18.08
CA ALA B 124 -22.74 16.61 19.46
C ALA B 124 -21.58 15.68 19.75
N THR B 125 -21.07 15.02 18.71
CA THR B 125 -19.97 14.08 18.87
C THR B 125 -18.81 14.35 17.92
N ILE B 126 -17.61 14.34 18.47
CA ILE B 126 -16.38 14.55 17.70
C ILE B 126 -15.57 13.26 17.80
N VAL B 127 -15.10 12.76 16.66
CA VAL B 127 -14.31 11.55 16.63
C VAL B 127 -12.90 11.92 16.16
N MET B 128 -11.94 11.78 17.06
CA MET B 128 -10.55 12.12 16.77
C MET B 128 -9.69 10.86 16.69
N VAL B 129 -9.28 10.49 15.49
CA VAL B 129 -8.44 9.31 15.28
C VAL B 129 -7.00 9.76 15.02
N THR B 130 -6.40 10.43 16.00
CA THR B 130 -5.04 10.92 15.88
C THR B 130 -4.44 11.31 17.20
N ASN B 131 -3.14 11.08 17.34
CA ASN B 131 -2.44 11.48 18.54
C ASN B 131 -1.91 12.87 18.18
N LEU B 132 -1.87 13.77 19.15
CA LEU B 132 -1.43 15.13 18.91
C LEU B 132 -0.05 15.23 18.27
N LYS B 133 0.79 14.23 18.52
CA LYS B 133 2.14 14.24 17.98
C LYS B 133 2.59 12.86 17.53
N GLU B 134 3.29 12.83 16.40
CA GLU B 134 3.85 11.60 15.83
C GLU B 134 5.28 11.94 15.47
N ARG B 135 6.23 11.28 16.14
CA ARG B 135 7.63 11.52 15.87
C ARG B 135 8.05 12.96 16.04
N LYS B 136 7.73 13.59 17.18
CA LYS B 136 8.09 14.99 17.40
C LYS B 136 7.35 15.90 16.40
N GLU B 137 6.62 15.31 15.47
CA GLU B 137 5.89 16.06 14.45
C GLU B 137 4.43 16.21 14.86
N CYS B 138 3.99 17.44 15.09
CA CYS B 138 2.61 17.68 15.48
C CYS B 138 1.64 17.35 14.33
N LYS B 139 0.74 16.42 14.62
CA LYS B 139 -0.24 15.96 13.64
C LYS B 139 -1.56 16.73 13.74
N CYS B 140 -1.85 17.28 14.92
CA CYS B 140 -3.08 18.03 15.14
C CYS B 140 -2.92 19.00 16.31
N ALA B 141 -3.42 20.21 16.13
CA ALA B 141 -3.35 21.22 17.18
C ALA B 141 -4.37 20.88 18.26
N GLN B 142 -3.95 20.95 19.52
CA GLN B 142 -4.87 20.66 20.61
C GLN B 142 -5.89 21.79 20.70
N TYR B 143 -7.08 21.53 20.16
CA TYR B 143 -8.14 22.52 20.14
C TYR B 143 -9.00 22.53 21.40
N TRP B 144 -8.51 21.94 22.48
CA TRP B 144 -9.27 21.90 23.72
C TRP B 144 -8.38 22.11 24.94
N PRO B 145 -8.88 22.82 25.95
CA PRO B 145 -8.09 23.07 27.16
C PRO B 145 -7.98 21.79 27.99
N ASP B 146 -6.94 21.69 28.81
CA ASP B 146 -6.75 20.50 29.65
C ASP B 146 -7.83 20.45 30.73
N GLN B 147 -8.13 21.62 31.30
CA GLN B 147 -9.16 21.77 32.31
C GLN B 147 -9.45 23.26 32.42
N GLY B 148 -10.65 23.60 32.88
CA GLY B 148 -11.02 25.00 33.00
C GLY B 148 -11.77 25.44 31.76
N CYS B 149 -11.66 26.72 31.44
CA CYS B 149 -12.35 27.28 30.29
C CYS B 149 -11.45 28.15 29.42
N TRP B 150 -11.79 28.22 28.14
CA TRP B 150 -11.05 29.03 27.18
C TRP B 150 -11.99 29.40 26.05
N THR B 151 -11.91 30.66 25.59
CA THR B 151 -12.76 31.13 24.52
C THR B 151 -12.04 31.10 23.17
N TYR B 152 -12.49 30.19 22.31
CA TYR B 152 -11.91 30.06 20.97
C TYR B 152 -12.78 30.91 20.05
N GLY B 153 -12.34 32.14 19.80
CA GLY B 153 -13.10 33.04 18.96
C GLY B 153 -14.34 33.45 19.73
N ASN B 154 -15.50 33.06 19.23
CA ASN B 154 -16.77 33.39 19.88
C ASN B 154 -17.36 32.15 20.55
N VAL B 155 -16.57 31.10 20.71
CA VAL B 155 -17.06 29.88 21.33
C VAL B 155 -16.30 29.54 22.62
N ARG B 156 -17.01 29.59 23.74
CA ARG B 156 -16.41 29.28 25.04
C ARG B 156 -16.40 27.75 25.19
N VAL B 157 -15.24 27.20 25.52
CA VAL B 157 -15.11 25.75 25.69
C VAL B 157 -14.56 25.43 27.07
N SER B 158 -15.27 24.59 27.80
CA SER B 158 -14.85 24.17 29.13
C SER B 158 -14.89 22.65 29.26
N VAL B 159 -13.89 22.09 29.94
CA VAL B 159 -13.79 20.64 30.12
C VAL B 159 -14.65 20.21 31.30
N GLU B 160 -15.62 19.34 31.03
CA GLU B 160 -16.51 18.84 32.07
C GLU B 160 -16.14 17.45 32.58
N ASP B 161 -15.40 16.69 31.78
CA ASP B 161 -15.00 15.35 32.19
C ASP B 161 -14.00 14.73 31.22
N VAL B 162 -13.11 13.89 31.76
CA VAL B 162 -12.10 13.20 30.96
C VAL B 162 -12.00 11.78 31.49
N THR B 163 -12.37 10.81 30.66
CA THR B 163 -12.33 9.40 31.05
C THR B 163 -11.36 8.67 30.12
N VAL B 164 -10.16 8.39 30.63
CA VAL B 164 -9.13 7.72 29.85
C VAL B 164 -9.35 6.21 29.86
N LEU B 165 -9.76 5.65 28.72
CA LEU B 165 -9.94 4.20 28.64
C LEU B 165 -8.65 3.62 28.05
N VAL B 166 -8.76 2.42 27.48
CA VAL B 166 -7.62 1.74 26.91
C VAL B 166 -7.30 2.07 25.45
N ASP B 167 -8.30 2.00 24.59
CA ASP B 167 -8.07 2.29 23.18
C ASP B 167 -8.45 3.71 22.82
N TYR B 168 -9.04 4.42 23.79
CA TYR B 168 -9.47 5.80 23.58
C TYR B 168 -9.76 6.54 24.88
N THR B 169 -9.82 7.87 24.76
CA THR B 169 -10.10 8.76 25.88
C THR B 169 -11.35 9.53 25.50
N VAL B 170 -12.31 9.60 26.41
CA VAL B 170 -13.56 10.32 26.17
C VAL B 170 -13.55 11.63 26.94
N ARG B 171 -13.73 12.74 26.24
CA ARG B 171 -13.74 14.06 26.88
C ARG B 171 -15.07 14.78 26.62
N LYS B 172 -15.68 15.27 27.69
CA LYS B 172 -16.95 15.99 27.60
C LYS B 172 -16.65 17.48 27.67
N PHE B 173 -17.22 18.25 26.73
CA PHE B 173 -17.01 19.70 26.70
C PHE B 173 -18.33 20.46 26.73
N CYS B 174 -18.35 21.58 27.43
CA CYS B 174 -19.52 22.42 27.51
C CYS B 174 -19.18 23.66 26.70
N ILE B 175 -19.80 23.78 25.53
CA ILE B 175 -19.55 24.92 24.64
C ILE B 175 -20.73 25.88 24.64
N GLN B 176 -20.43 27.17 24.47
CA GLN B 176 -21.45 28.20 24.46
C GLN B 176 -21.07 29.33 23.51
N GLN B 177 -22.08 29.97 22.92
CA GLN B 177 -21.93 31.07 21.97
C GLN B 177 -21.47 30.59 20.59
N GLN B 187 -26.24 26.52 26.05
CA GLN B 187 -24.96 25.77 26.18
C GLN B 187 -25.20 24.36 25.67
N ARG B 188 -24.14 23.69 25.22
CA ARG B 188 -24.24 22.33 24.71
C ARG B 188 -23.10 21.48 25.22
N LEU B 189 -23.40 20.25 25.61
CA LEU B 189 -22.40 19.31 26.07
C LEU B 189 -22.06 18.40 24.89
N ILE B 190 -20.85 18.52 24.37
CA ILE B 190 -20.42 17.69 23.26
C ILE B 190 -19.41 16.66 23.76
N THR B 191 -19.41 15.48 23.15
CA THR B 191 -18.50 14.41 23.54
C THR B 191 -17.45 14.14 22.48
N GLN B 192 -16.19 14.13 22.90
CA GLN B 192 -15.06 13.85 22.02
C GLN B 192 -14.51 12.46 22.29
N PHE B 193 -14.50 11.63 21.26
CA PHE B 193 -13.96 10.28 21.36
C PHE B 193 -12.58 10.34 20.71
N HIS B 194 -11.54 10.20 21.52
CA HIS B 194 -10.17 10.29 21.05
C HIS B 194 -9.48 8.94 20.98
N PHE B 195 -9.43 8.34 19.79
CA PHE B 195 -8.76 7.06 19.60
C PHE B 195 -7.25 7.31 19.65
N THR B 196 -6.58 6.67 20.59
CA THR B 196 -5.15 6.86 20.78
C THR B 196 -4.29 5.66 20.35
N SER B 197 -4.94 4.55 20.00
CA SER B 197 -4.22 3.35 19.61
C SER B 197 -3.83 3.16 18.15
N TRP B 198 -3.92 4.19 17.31
CA TRP B 198 -3.53 4.03 15.92
C TRP B 198 -2.02 4.23 15.83
N PRO B 199 -1.30 3.23 15.28
CA PRO B 199 0.16 3.28 15.13
C PRO B 199 0.64 4.36 14.17
N ASP B 200 1.92 4.74 14.32
CA ASP B 200 2.52 5.75 13.46
C ASP B 200 2.58 5.26 12.01
N PHE B 201 2.75 3.96 11.85
CA PHE B 201 2.82 3.34 10.54
C PHE B 201 1.84 2.17 10.44
N GLY B 202 1.26 2.01 9.27
CA GLY B 202 0.32 0.93 9.04
C GLY B 202 -1.01 1.06 9.77
N VAL B 203 -1.68 -0.07 9.94
CA VAL B 203 -2.96 -0.12 10.63
C VAL B 203 -2.82 -0.95 11.91
N PRO B 204 -3.79 -0.85 12.83
CA PRO B 204 -3.74 -1.60 14.09
C PRO B 204 -3.63 -3.10 13.82
N PHE B 205 -2.82 -3.78 14.64
CA PHE B 205 -2.59 -5.21 14.51
C PHE B 205 -3.89 -6.02 14.54
N THR B 206 -4.88 -5.50 15.26
CA THR B 206 -6.16 -6.17 15.39
C THR B 206 -7.30 -5.14 15.37
N PRO B 207 -8.45 -5.49 14.76
CA PRO B 207 -9.62 -4.60 14.67
C PRO B 207 -10.38 -4.38 15.98
N ILE B 208 -10.15 -5.24 16.97
CA ILE B 208 -10.84 -5.15 18.27
C ILE B 208 -10.98 -3.74 18.84
N GLY B 209 -9.87 -2.99 18.86
CA GLY B 209 -9.90 -1.65 19.42
C GLY B 209 -10.82 -0.69 18.70
N MET B 210 -10.77 -0.70 17.38
CA MET B 210 -11.58 0.18 16.55
C MET B 210 -13.06 -0.18 16.66
N LEU B 211 -13.35 -1.47 16.73
CA LEU B 211 -14.72 -1.94 16.84
C LEU B 211 -15.39 -1.46 18.13
N LYS B 212 -14.68 -1.58 19.26
CA LYS B 212 -15.21 -1.15 20.54
C LYS B 212 -15.36 0.38 20.56
N PHE B 213 -14.41 1.05 19.93
CA PHE B 213 -14.39 2.51 19.83
C PHE B 213 -15.65 2.95 19.08
N LEU B 214 -15.87 2.31 17.92
CA LEU B 214 -17.02 2.61 17.07
C LEU B 214 -18.32 2.25 17.78
N LYS B 215 -18.31 1.13 18.50
CA LYS B 215 -19.47 0.65 19.24
C LYS B 215 -19.98 1.72 20.21
N LYS B 216 -19.05 2.30 20.98
CA LYS B 216 -19.43 3.32 21.95
C LYS B 216 -19.90 4.61 21.28
N VAL B 217 -19.24 5.01 20.20
CA VAL B 217 -19.63 6.23 19.48
C VAL B 217 -21.08 6.11 19.02
N LYS B 218 -21.41 4.96 18.44
CA LYS B 218 -22.75 4.70 17.94
C LYS B 218 -23.81 4.78 19.05
N ALA B 219 -23.45 4.28 20.23
CA ALA B 219 -24.36 4.27 21.38
C ALA B 219 -24.53 5.62 22.06
N CYS B 220 -23.49 6.44 22.06
CA CYS B 220 -23.52 7.74 22.71
C CYS B 220 -24.09 8.89 21.88
N ASN B 221 -23.82 8.88 20.57
CA ASN B 221 -24.28 9.95 19.69
C ASN B 221 -25.80 10.10 19.66
N PRO B 222 -26.30 11.32 19.92
CA PRO B 222 -27.73 11.63 19.91
C PRO B 222 -28.41 11.27 18.58
N GLN B 223 -29.65 10.80 18.69
CA GLN B 223 -30.44 10.38 17.54
C GLN B 223 -30.95 11.54 16.67
N TYR B 224 -31.03 12.74 17.23
CA TYR B 224 -31.53 13.89 16.49
C TYR B 224 -30.61 15.10 16.67
N ALA B 225 -29.35 14.92 16.31
CA ALA B 225 -28.36 15.98 16.42
C ALA B 225 -27.69 16.24 15.06
N GLY B 226 -26.77 17.20 15.04
CA GLY B 226 -26.06 17.53 13.82
C GLY B 226 -25.05 16.48 13.41
N ALA B 227 -24.39 16.72 12.28
CA ALA B 227 -23.40 15.79 11.74
C ALA B 227 -22.22 15.55 12.68
N ILE B 228 -21.76 14.31 12.71
CA ILE B 228 -20.65 13.90 13.54
C ILE B 228 -19.35 14.31 12.85
N VAL B 229 -18.51 15.06 13.55
CA VAL B 229 -17.24 15.51 12.99
C VAL B 229 -16.15 14.48 13.27
N VAL B 230 -15.72 13.81 12.21
CA VAL B 230 -14.66 12.80 12.33
C VAL B 230 -13.41 13.41 11.71
N HIS B 231 -12.31 13.41 12.45
CA HIS B 231 -11.09 13.99 11.93
C HIS B 231 -9.83 13.29 12.39
N CYS B 232 -8.80 13.40 11.56
CA CYS B 232 -7.49 12.85 11.84
C CYS B 232 -6.56 14.02 11.54
N SER B 233 -5.52 13.81 10.72
CA SER B 233 -4.63 14.91 10.37
C SER B 233 -5.12 15.47 9.05
N ALA B 234 -5.02 14.66 8.01
CA ALA B 234 -5.45 15.06 6.68
C ALA B 234 -6.98 15.04 6.60
N GLY B 235 -7.59 14.24 7.46
CA GLY B 235 -9.05 14.14 7.49
C GLY B 235 -9.62 13.25 6.39
N VAL B 236 -8.86 12.23 6.00
CA VAL B 236 -9.29 11.31 4.95
C VAL B 236 -8.95 9.85 5.22
N GLY B 237 -7.70 9.60 5.60
CA GLY B 237 -7.26 8.24 5.86
C GLY B 237 -8.02 7.47 6.92
N ARG B 238 -7.64 7.66 8.18
CA ARG B 238 -8.30 6.97 9.29
C ARG B 238 -9.75 7.41 9.39
N THR B 239 -10.01 8.67 9.04
CA THR B 239 -11.34 9.23 9.07
C THR B 239 -12.24 8.41 8.13
N GLY B 240 -11.71 8.12 6.95
CA GLY B 240 -12.45 7.34 5.97
C GLY B 240 -12.65 5.91 6.46
N THR B 241 -11.60 5.33 7.04
CA THR B 241 -11.66 3.97 7.56
C THR B 241 -12.78 3.85 8.59
N PHE B 242 -12.88 4.83 9.48
CA PHE B 242 -13.91 4.85 10.52
C PHE B 242 -15.30 4.92 9.88
N VAL B 243 -15.48 5.90 8.99
CA VAL B 243 -16.76 6.10 8.30
C VAL B 243 -17.23 4.86 7.55
N VAL B 244 -16.34 4.28 6.74
CA VAL B 244 -16.68 3.10 5.97
C VAL B 244 -17.06 1.92 6.84
N ILE B 245 -16.32 1.69 7.92
CA ILE B 245 -16.63 0.59 8.82
C ILE B 245 -18.00 0.80 9.46
N ASP B 246 -18.26 2.05 9.88
CA ASP B 246 -19.54 2.41 10.49
C ASP B 246 -20.68 2.07 9.53
N ALA B 247 -20.53 2.50 8.29
CA ALA B 247 -21.53 2.26 7.26
C ALA B 247 -21.73 0.78 6.96
N MET B 248 -20.63 0.07 6.78
CA MET B 248 -20.68 -1.36 6.47
C MET B 248 -21.27 -2.19 7.59
N LEU B 249 -21.08 -1.77 8.84
CA LEU B 249 -21.65 -2.50 9.97
C LEU B 249 -23.17 -2.36 9.89
N ASP B 250 -23.63 -1.16 9.55
CA ASP B 250 -25.06 -0.89 9.41
C ASP B 250 -25.61 -1.74 8.27
N MET B 251 -24.89 -1.76 7.15
CA MET B 251 -25.30 -2.54 5.99
C MET B 251 -25.34 -4.03 6.32
N MET B 252 -24.37 -4.48 7.10
CA MET B 252 -24.26 -5.87 7.51
C MET B 252 -25.45 -6.27 8.37
N HIS B 253 -25.97 -5.31 9.13
CA HIS B 253 -27.10 -5.53 10.02
C HIS B 253 -28.43 -5.40 9.27
N SER B 254 -28.49 -4.46 8.35
CA SER B 254 -29.70 -4.19 7.56
C SER B 254 -30.01 -5.23 6.49
N GLU B 255 -29.06 -5.48 5.59
CA GLU B 255 -29.27 -6.44 4.51
C GLU B 255 -28.32 -7.64 4.53
N ARG B 256 -27.67 -7.84 5.66
CA ARG B 256 -26.74 -8.95 5.86
C ARG B 256 -25.73 -9.19 4.75
N LYS B 257 -25.06 -8.11 4.35
CA LYS B 257 -24.03 -8.13 3.32
C LYS B 257 -23.26 -6.82 3.39
N VAL B 258 -22.12 -6.77 2.71
CA VAL B 258 -21.28 -5.57 2.69
C VAL B 258 -20.91 -5.21 1.26
N ASP B 259 -20.59 -3.95 1.05
CA ASP B 259 -20.21 -3.45 -0.27
C ASP B 259 -19.19 -2.34 -0.08
N VAL B 260 -18.03 -2.72 0.44
CA VAL B 260 -16.94 -1.77 0.70
C VAL B 260 -16.53 -1.00 -0.55
N TYR B 261 -16.26 -1.72 -1.63
CA TYR B 261 -15.85 -1.10 -2.89
C TYR B 261 -16.87 -0.07 -3.34
N GLY B 262 -18.14 -0.49 -3.43
CA GLY B 262 -19.20 0.40 -3.84
C GLY B 262 -19.34 1.63 -2.97
N PHE B 263 -19.26 1.44 -1.66
CA PHE B 263 -19.40 2.56 -0.72
C PHE B 263 -18.22 3.54 -0.79
N VAL B 264 -16.99 3.00 -0.80
CA VAL B 264 -15.81 3.86 -0.86
C VAL B 264 -15.81 4.67 -2.15
N SER B 265 -16.20 4.04 -3.25
CA SER B 265 -16.26 4.73 -4.54
C SER B 265 -17.26 5.87 -4.42
N ARG B 266 -18.38 5.57 -3.75
CA ARG B 266 -19.46 6.53 -3.51
C ARG B 266 -19.00 7.76 -2.74
N ILE B 267 -18.41 7.56 -1.56
CA ILE B 267 -17.97 8.69 -0.75
C ILE B 267 -16.77 9.45 -1.31
N ARG B 268 -16.07 8.86 -2.27
CA ARG B 268 -14.92 9.55 -2.88
C ARG B 268 -15.41 10.67 -3.78
N ALA B 269 -16.71 10.69 -4.04
CA ALA B 269 -17.33 11.73 -4.84
C ALA B 269 -17.59 12.93 -3.93
N GLN B 270 -17.38 12.72 -2.62
CA GLN B 270 -17.58 13.75 -1.62
C GLN B 270 -16.24 14.27 -1.12
N ARG B 271 -15.28 13.36 -0.93
CA ARG B 271 -13.94 13.77 -0.50
C ARG B 271 -12.93 12.87 -1.22
N CYS B 272 -11.81 13.45 -1.63
CA CYS B 272 -10.78 12.78 -2.40
C CYS B 272 -10.23 11.41 -1.98
N GLN B 273 -9.57 11.34 -0.82
CA GLN B 273 -8.96 10.09 -0.40
C GLN B 273 -9.50 9.36 0.82
N MET B 274 -10.80 9.11 0.87
CA MET B 274 -11.34 8.36 2.01
C MET B 274 -10.73 6.99 1.81
N VAL B 275 -9.99 6.53 2.82
CA VAL B 275 -9.27 5.25 2.78
C VAL B 275 -8.04 5.52 1.94
N GLN B 276 -7.03 6.11 2.58
CA GLN B 276 -5.77 6.49 1.93
C GLN B 276 -4.84 5.35 1.54
N THR B 277 -4.80 4.28 2.33
CA THR B 277 -3.91 3.16 2.04
C THR B 277 -4.64 1.83 1.82
N ASP B 278 -3.97 0.92 1.13
CA ASP B 278 -4.53 -0.41 0.85
C ASP B 278 -4.63 -1.23 2.12
N MET B 279 -3.75 -0.95 3.09
CA MET B 279 -3.77 -1.66 4.35
C MET B 279 -4.98 -1.22 5.16
N GLN B 280 -5.37 0.03 4.97
CA GLN B 280 -6.55 0.57 5.65
C GLN B 280 -7.76 -0.12 5.04
N TYR B 281 -7.70 -0.33 3.73
CA TYR B 281 -8.76 -0.97 2.99
C TYR B 281 -8.94 -2.40 3.51
N VAL B 282 -7.83 -3.11 3.68
CA VAL B 282 -7.85 -4.47 4.18
C VAL B 282 -8.34 -4.47 5.63
N PHE B 283 -7.95 -3.44 6.38
CA PHE B 283 -8.36 -3.30 7.78
C PHE B 283 -9.88 -3.21 7.88
N ILE B 284 -10.49 -2.49 6.94
CA ILE B 284 -11.93 -2.33 6.90
C ILE B 284 -12.58 -3.71 6.83
N TYR B 285 -12.11 -4.53 5.90
CA TYR B 285 -12.62 -5.88 5.72
C TYR B 285 -12.41 -6.74 6.95
N GLN B 286 -11.20 -6.69 7.51
CA GLN B 286 -10.89 -7.49 8.69
C GLN B 286 -11.73 -7.09 9.90
N ALA B 287 -12.11 -5.82 9.97
CA ALA B 287 -12.94 -5.32 11.06
C ALA B 287 -14.36 -5.88 10.91
N LEU B 288 -14.84 -5.87 9.68
CA LEU B 288 -16.17 -6.40 9.38
C LEU B 288 -16.24 -7.87 9.77
N LEU B 289 -15.23 -8.63 9.35
CA LEU B 289 -15.16 -10.05 9.67
C LEU B 289 -15.15 -10.27 11.17
N GLU B 290 -14.27 -9.55 11.86
CA GLU B 290 -14.15 -9.66 13.31
C GLU B 290 -15.48 -9.45 14.02
N HIS B 291 -16.27 -8.49 13.55
CA HIS B 291 -17.57 -8.21 14.14
C HIS B 291 -18.60 -9.29 13.81
N TYR B 292 -18.43 -9.92 12.65
CA TYR B 292 -19.34 -10.96 12.21
C TYR B 292 -19.22 -12.20 13.09
N LEU B 293 -17.99 -12.59 13.39
CA LEU B 293 -17.72 -13.75 14.24
C LEU B 293 -17.82 -13.30 15.70
N TYR B 294 -17.26 -12.13 15.97
CA TYR B 294 -17.24 -11.50 17.30
C TYR B 294 -16.51 -12.30 18.38
#